data_1X2E
#
_entry.id   1X2E
#
_cell.length_a   65.187
_cell.length_b   65.187
_cell.length_c   169.282
_cell.angle_alpha   90.00
_cell.angle_beta   90.00
_cell.angle_gamma   90.00
#
_symmetry.space_group_name_H-M   'P 43 21 2'
#
loop_
_entity.id
_entity.type
_entity.pdbx_description
1 polymer 'Proline iminopeptidase'
2 non-polymer (2S)-2-AMINO-1-(5-TERT-BUTYL-1,3,4-OXADIAZOL-2-YL)PROPAN-1-ONE
3 water water
#
_entity_poly.entity_id   1
_entity_poly.type   'polypeptide(L)'
_entity_poly.pdbx_seq_one_letter_code
;MEQLRGLYPPLAAYDSGWLDTGDGHRIYWELSGNPNGKPAVFIHGGPGGGISPHHRQLFDPERYKVLLFDQRGCGRSRPH
ASLDNNTTWHLVADIERLREMAGVEQWLVFGGSWGSTLALAYAQTHPERVSEMVLRGIFTLRKQRLHWYYQDGASRFFPE
KWERVLSILSDDERKDVIAAYRQRLTSADPQVQLEAAKLWSVWEGETVTLLPSRESASFGEDDFALAFARIENHYFTHLG
FLESDDQLLRNVPLIRHIPAVIVHGRYDMACQVQNAWDLAKAWPEAELHIVEGAGHSYDEPGILHQLMIATDRFAGK
;
_entity_poly.pdbx_strand_id   A
#
loop_
_chem_comp.id
_chem_comp.type
_chem_comp.name
_chem_comp.formula
ATX non-polymer (2S)-2-AMINO-1-(5-TERT-BUTYL-1,3,4-OXADIAZOL-2-YL)PROPAN-1-ONE 'C9 H15 N3 O2'
#
# COMPACT_ATOMS: atom_id res chain seq x y z
N LEU A 4 -17.89 12.59 -12.90
CA LEU A 4 -16.97 11.45 -12.58
C LEU A 4 -17.60 10.49 -11.56
N ARG A 5 -17.23 9.22 -11.66
CA ARG A 5 -17.72 8.20 -10.74
C ARG A 5 -17.09 8.36 -9.36
N GLY A 6 -17.88 8.15 -8.32
CA GLY A 6 -17.38 8.27 -6.96
C GLY A 6 -17.56 6.98 -6.18
N LEU A 7 -17.37 7.04 -4.88
CA LEU A 7 -17.51 5.86 -4.03
C LEU A 7 -18.97 5.46 -3.81
N TYR A 8 -19.21 4.18 -3.56
CA TYR A 8 -20.56 3.73 -3.28
C TYR A 8 -20.87 4.29 -1.90
N PRO A 9 -22.15 4.28 -1.50
CA PRO A 9 -22.45 4.82 -0.18
C PRO A 9 -21.88 3.99 0.97
N PRO A 10 -21.74 4.59 2.15
CA PRO A 10 -21.21 3.93 3.35
C PRO A 10 -22.01 2.69 3.71
N LEU A 11 -21.32 1.67 4.21
CA LEU A 11 -21.96 0.43 4.61
C LEU A 11 -21.08 -0.22 5.66
N ALA A 12 -21.69 -0.84 6.65
CA ALA A 12 -20.94 -1.52 7.70
C ALA A 12 -20.54 -2.90 7.20
N ALA A 13 -19.46 -3.45 7.77
CA ALA A 13 -19.01 -4.78 7.38
C ALA A 13 -20.07 -5.74 7.91
N TYR A 14 -20.13 -6.96 7.36
CA TYR A 14 -21.13 -7.91 7.83
C TYR A 14 -20.51 -9.01 8.70
N ASP A 15 -19.20 -8.95 8.88
CA ASP A 15 -18.51 -9.92 9.71
C ASP A 15 -17.07 -9.49 9.89
N SER A 16 -16.50 -9.74 11.07
CA SER A 16 -15.13 -9.38 11.32
C SER A 16 -14.55 -10.21 12.45
N GLY A 17 -13.24 -10.13 12.62
CA GLY A 17 -12.60 -10.88 13.67
C GLY A 17 -11.10 -10.70 13.64
N TRP A 18 -10.42 -11.54 14.39
CA TRP A 18 -8.96 -11.49 14.48
C TRP A 18 -8.45 -12.90 14.23
N LEU A 19 -7.46 -13.01 13.36
CA LEU A 19 -6.89 -14.32 13.05
C LEU A 19 -5.50 -14.44 13.64
N ASP A 20 -5.35 -15.42 14.55
CA ASP A 20 -4.06 -15.65 15.18
C ASP A 20 -3.19 -16.38 14.16
N THR A 21 -2.04 -15.78 13.86
CA THR A 21 -1.11 -16.35 12.87
C THR A 21 -0.31 -17.53 13.42
N GLY A 22 -0.22 -17.63 14.73
CA GLY A 22 0.53 -18.71 15.32
C GLY A 22 1.97 -18.36 15.61
N ASP A 23 2.42 -17.19 15.16
CA ASP A 23 3.80 -16.78 15.40
C ASP A 23 3.90 -15.45 16.14
N GLY A 24 2.82 -15.05 16.79
CA GLY A 24 2.84 -13.82 17.55
C GLY A 24 1.93 -12.68 17.11
N HIS A 25 1.20 -12.87 16.02
CA HIS A 25 0.32 -11.80 15.54
C HIS A 25 -1.15 -12.19 15.50
N ARG A 26 -2.00 -11.21 15.74
CA ARG A 26 -3.44 -11.37 15.66
C ARG A 26 -3.85 -10.32 14.63
N ILE A 27 -4.25 -10.78 13.45
CA ILE A 27 -4.61 -9.85 12.39
C ILE A 27 -6.12 -9.64 12.21
N TYR A 28 -6.49 -8.36 12.17
CA TYR A 28 -7.87 -7.95 12.01
C TYR A 28 -8.34 -8.04 10.56
N TRP A 29 -9.54 -8.57 10.38
CA TRP A 29 -10.14 -8.71 9.05
C TRP A 29 -11.63 -8.45 9.15
N GLU A 30 -12.22 -8.11 8.01
CA GLU A 30 -13.65 -7.88 7.98
C GLU A 30 -14.15 -8.20 6.58
N LEU A 31 -15.40 -8.65 6.51
CA LEU A 31 -16.03 -9.00 5.24
C LEU A 31 -17.13 -7.99 4.98
N SER A 32 -17.21 -7.52 3.75
CA SER A 32 -18.19 -6.51 3.38
C SER A 32 -18.85 -6.76 2.03
N GLY A 33 -20.06 -6.23 1.86
CA GLY A 33 -20.77 -6.41 0.61
C GLY A 33 -21.81 -7.51 0.67
N ASN A 34 -21.73 -8.43 -0.28
CA ASN A 34 -22.67 -9.55 -0.35
C ASN A 34 -21.96 -10.88 -0.22
N PRO A 35 -22.26 -11.64 0.84
CA PRO A 35 -21.64 -12.95 1.09
C PRO A 35 -21.77 -13.94 -0.05
N ASN A 36 -22.61 -13.61 -1.02
CA ASN A 36 -22.83 -14.46 -2.19
C ASN A 36 -22.29 -13.79 -3.44
N GLY A 37 -21.53 -12.70 -3.26
CA GLY A 37 -21.00 -11.98 -4.40
C GLY A 37 -19.65 -12.50 -4.87
N LYS A 38 -19.04 -11.78 -5.80
CA LYS A 38 -17.72 -12.15 -6.33
C LYS A 38 -16.65 -11.81 -5.28
N PRO A 39 -15.78 -12.78 -4.96
CA PRO A 39 -14.72 -12.58 -3.97
C PRO A 39 -13.59 -11.64 -4.40
N ALA A 40 -13.26 -10.71 -3.51
CA ALA A 40 -12.21 -9.74 -3.73
C ALA A 40 -11.47 -9.48 -2.42
N VAL A 41 -10.17 -9.19 -2.53
CA VAL A 41 -9.38 -8.87 -1.35
C VAL A 41 -8.77 -7.49 -1.55
N PHE A 42 -8.85 -6.66 -0.52
CA PHE A 42 -8.29 -5.31 -0.57
C PHE A 42 -6.98 -5.28 0.20
N ILE A 43 -5.91 -4.83 -0.45
CA ILE A 43 -4.61 -4.77 0.19
C ILE A 43 -4.23 -3.30 0.37
N HIS A 44 -4.16 -2.85 1.64
CA HIS A 44 -3.84 -1.46 1.90
C HIS A 44 -2.37 -1.12 1.64
N GLY A 45 -2.07 0.18 1.67
CA GLY A 45 -0.73 0.63 1.40
C GLY A 45 0.14 0.88 2.61
N GLY A 46 1.22 1.62 2.38
CA GLY A 46 2.17 1.92 3.44
C GLY A 46 3.54 1.43 3.02
N PRO A 47 3.99 0.27 3.50
CA PRO A 47 3.27 -0.63 4.42
C PRO A 47 2.95 0.02 5.76
N GLY A 48 2.05 -0.62 6.51
CA GLY A 48 1.65 -0.11 7.81
C GLY A 48 0.59 0.99 7.78
N GLY A 49 -0.11 1.11 6.65
CA GLY A 49 -1.11 2.17 6.52
C GLY A 49 -2.47 1.87 7.12
N GLY A 50 -2.88 0.61 7.08
CA GLY A 50 -4.15 0.21 7.64
C GLY A 50 -5.33 0.44 6.71
N ILE A 51 -6.47 -0.16 7.05
CA ILE A 51 -7.69 0.00 6.26
C ILE A 51 -8.61 0.98 6.97
N SER A 52 -9.58 1.50 6.22
CA SER A 52 -10.57 2.41 6.79
C SER A 52 -11.90 2.06 6.16
N PRO A 53 -13.02 2.39 6.83
CA PRO A 53 -14.36 2.10 6.30
C PRO A 53 -14.58 2.49 4.83
N HIS A 54 -14.00 3.60 4.41
CA HIS A 54 -14.14 4.06 3.04
C HIS A 54 -13.71 3.04 1.99
N HIS A 55 -12.76 2.18 2.35
CA HIS A 55 -12.27 1.16 1.42
C HIS A 55 -13.32 0.13 1.06
N ARG A 56 -14.40 0.07 1.84
CA ARG A 56 -15.47 -0.89 1.58
C ARG A 56 -16.32 -0.39 0.42
N GLN A 57 -16.41 0.94 0.33
CA GLN A 57 -17.20 1.62 -0.67
C GLN A 57 -16.58 1.64 -2.07
N LEU A 58 -15.47 0.92 -2.24
CA LEU A 58 -14.78 0.86 -3.54
C LEU A 58 -15.35 -0.28 -4.40
N PHE A 59 -16.24 -1.07 -3.81
CA PHE A 59 -16.82 -2.20 -4.54
C PHE A 59 -18.33 -2.17 -4.49
N ASP A 60 -18.96 -2.59 -5.58
CA ASP A 60 -20.42 -2.64 -5.68
C ASP A 60 -20.91 -3.57 -4.57
N PRO A 61 -21.69 -3.05 -3.61
CA PRO A 61 -22.21 -3.83 -2.49
C PRO A 61 -23.08 -5.02 -2.89
N GLU A 62 -23.63 -4.98 -4.09
CA GLU A 62 -24.50 -6.05 -4.58
C GLU A 62 -23.73 -7.17 -5.25
N ARG A 63 -22.66 -6.84 -5.95
CA ARG A 63 -21.89 -7.84 -6.69
C ARG A 63 -20.60 -8.37 -6.09
N TYR A 64 -20.06 -7.70 -5.08
CA TYR A 64 -18.80 -8.12 -4.48
C TYR A 64 -18.84 -8.56 -3.03
N LYS A 65 -17.99 -9.52 -2.70
CA LYS A 65 -17.81 -10.03 -1.35
C LYS A 65 -16.36 -9.57 -1.10
N VAL A 66 -16.18 -8.52 -0.31
CA VAL A 66 -14.84 -7.99 -0.06
C VAL A 66 -14.23 -8.29 1.30
N LEU A 67 -13.04 -8.86 1.28
CA LEU A 67 -12.32 -9.14 2.52
C LEU A 67 -11.24 -8.06 2.66
N LEU A 68 -11.32 -7.30 3.74
CA LEU A 68 -10.35 -6.25 4.00
C LEU A 68 -9.65 -6.60 5.29
N PHE A 69 -8.33 -6.41 5.34
CA PHE A 69 -7.60 -6.71 6.55
C PHE A 69 -6.45 -5.75 6.82
N ASP A 70 -6.09 -5.64 8.10
CA ASP A 70 -4.99 -4.80 8.53
C ASP A 70 -3.76 -5.69 8.56
N GLN A 71 -2.72 -5.30 7.83
CA GLN A 71 -1.49 -6.06 7.80
C GLN A 71 -0.79 -6.00 9.17
N ARG A 72 0.07 -6.97 9.44
CA ARG A 72 0.78 -7.06 10.72
C ARG A 72 1.32 -5.74 11.28
N GLY A 73 1.04 -5.50 12.55
CA GLY A 73 1.53 -4.31 13.23
C GLY A 73 0.76 -3.01 13.11
N CYS A 74 -0.22 -2.93 12.21
CA CYS A 74 -0.95 -1.68 12.05
C CYS A 74 -2.47 -1.82 12.14
N GLY A 75 -3.14 -0.68 12.30
CA GLY A 75 -4.59 -0.69 12.40
C GLY A 75 -5.03 -1.40 13.67
N ARG A 76 -5.86 -2.42 13.52
CA ARG A 76 -6.35 -3.18 14.68
C ARG A 76 -5.61 -4.49 14.86
N SER A 77 -4.59 -4.73 14.04
CA SER A 77 -3.81 -5.95 14.16
C SER A 77 -2.85 -5.81 15.34
N ARG A 78 -2.71 -6.87 16.12
CA ARG A 78 -1.86 -6.86 17.30
C ARG A 78 -0.67 -7.80 17.17
N PRO A 79 0.48 -7.44 17.75
CA PRO A 79 0.77 -6.22 18.53
C PRO A 79 1.01 -5.00 17.65
N HIS A 80 0.52 -3.85 18.11
CA HIS A 80 0.67 -2.59 17.40
C HIS A 80 2.14 -2.18 17.22
N ALA A 81 2.49 -1.80 15.99
CA ALA A 81 3.84 -1.36 15.63
C ALA A 81 4.92 -2.42 15.83
N SER A 82 4.55 -3.69 15.79
CA SER A 82 5.53 -4.76 15.96
C SER A 82 6.31 -5.01 14.68
N LEU A 83 7.63 -5.15 14.81
CA LEU A 83 8.47 -5.41 13.65
C LEU A 83 8.96 -6.86 13.65
N ASP A 84 8.44 -7.67 14.57
CA ASP A 84 8.85 -9.07 14.66
C ASP A 84 8.09 -9.90 13.63
N ASN A 85 8.79 -10.77 12.91
CA ASN A 85 8.15 -11.61 11.90
C ASN A 85 7.25 -10.76 11.02
N ASN A 86 7.75 -9.60 10.64
CA ASN A 86 6.97 -8.70 9.80
C ASN A 86 7.68 -8.48 8.47
N THR A 87 7.51 -9.43 7.55
CA THR A 87 8.15 -9.34 6.24
C THR A 87 7.14 -9.58 5.11
N THR A 88 7.56 -9.23 3.90
CA THR A 88 6.74 -9.39 2.71
C THR A 88 6.19 -10.81 2.58
N TRP A 89 7.04 -11.78 2.88
CA TRP A 89 6.65 -13.18 2.74
C TRP A 89 5.74 -13.71 3.84
N HIS A 90 5.73 -13.06 5.00
CA HIS A 90 4.83 -13.49 6.07
C HIS A 90 3.45 -12.97 5.66
N LEU A 91 3.44 -11.75 5.12
CA LEU A 91 2.20 -11.10 4.69
C LEU A 91 1.53 -11.89 3.56
N VAL A 92 2.34 -12.42 2.65
CA VAL A 92 1.81 -13.22 1.55
C VAL A 92 1.14 -14.46 2.14
N ALA A 93 1.78 -15.03 3.16
CA ALA A 93 1.27 -16.22 3.86
C ALA A 93 -0.04 -15.89 4.58
N ASP A 94 -0.10 -14.71 5.19
CA ASP A 94 -1.29 -14.26 5.88
C ASP A 94 -2.48 -14.13 4.92
N ILE A 95 -2.21 -13.65 3.70
CA ILE A 95 -3.29 -13.50 2.73
C ILE A 95 -3.91 -14.84 2.39
N GLU A 96 -3.08 -15.88 2.39
CA GLU A 96 -3.55 -17.22 2.11
C GLU A 96 -4.42 -17.71 3.26
N ARG A 97 -3.94 -17.54 4.49
CA ARG A 97 -4.69 -17.95 5.67
C ARG A 97 -6.08 -17.32 5.63
N LEU A 98 -6.14 -16.04 5.29
CA LEU A 98 -7.41 -15.33 5.20
C LEU A 98 -8.26 -15.90 4.09
N ARG A 99 -7.61 -16.27 2.99
CA ARG A 99 -8.31 -16.84 1.85
C ARG A 99 -9.03 -18.12 2.26
N GLU A 100 -8.26 -19.09 2.76
CA GLU A 100 -8.80 -20.37 3.21
C GLU A 100 -9.93 -20.14 4.22
N MET A 101 -9.71 -19.23 5.16
CA MET A 101 -10.71 -18.93 6.18
C MET A 101 -12.03 -18.42 5.62
N ALA A 102 -11.97 -17.63 4.55
CA ALA A 102 -13.19 -17.09 3.95
C ALA A 102 -13.80 -18.08 2.98
N GLY A 103 -13.14 -19.23 2.82
CA GLY A 103 -13.63 -20.25 1.91
C GLY A 103 -13.52 -19.88 0.46
N VAL A 104 -12.65 -18.92 0.15
CA VAL A 104 -12.46 -18.46 -1.22
C VAL A 104 -11.43 -19.30 -1.97
N GLU A 105 -11.79 -19.75 -3.16
CA GLU A 105 -10.91 -20.56 -3.99
C GLU A 105 -10.03 -19.67 -4.87
N GLN A 106 -10.58 -18.53 -5.27
CA GLN A 106 -9.89 -17.60 -6.14
C GLN A 106 -10.57 -16.23 -6.01
N TRP A 107 -9.80 -15.15 -6.08
CA TRP A 107 -10.39 -13.82 -5.97
C TRP A 107 -9.63 -12.71 -6.68
N LEU A 108 -10.31 -11.57 -6.80
CA LEU A 108 -9.73 -10.40 -7.43
C LEU A 108 -8.90 -9.66 -6.38
N VAL A 109 -7.71 -9.24 -6.77
CA VAL A 109 -6.81 -8.53 -5.87
C VAL A 109 -6.78 -7.05 -6.22
N PHE A 110 -7.09 -6.23 -5.22
CA PHE A 110 -7.13 -4.77 -5.39
C PHE A 110 -6.05 -4.15 -4.49
N GLY A 111 -5.08 -3.48 -5.09
CA GLY A 111 -4.03 -2.88 -4.29
C GLY A 111 -3.44 -1.62 -4.91
N GLY A 112 -3.21 -0.64 -4.06
CA GLY A 112 -2.63 0.61 -4.51
C GLY A 112 -1.38 0.92 -3.72
N SER A 113 -0.36 1.47 -4.38
CA SER A 113 0.88 1.84 -3.71
C SER A 113 1.59 0.59 -3.19
N TRP A 114 1.96 0.56 -1.92
CA TRP A 114 2.60 -0.64 -1.37
C TRP A 114 1.65 -1.80 -1.59
N GLY A 115 0.35 -1.49 -1.65
CA GLY A 115 -0.64 -2.51 -1.89
C GLY A 115 -0.43 -3.15 -3.25
N SER A 116 0.02 -2.37 -4.23
CA SER A 116 0.26 -2.93 -5.56
C SER A 116 1.49 -3.82 -5.45
N THR A 117 2.43 -3.43 -4.59
CA THR A 117 3.65 -4.19 -4.38
C THR A 117 3.35 -5.59 -3.83
N LEU A 118 2.62 -5.64 -2.71
CA LEU A 118 2.26 -6.91 -2.09
C LEU A 118 1.33 -7.70 -3.01
N ALA A 119 0.50 -7.00 -3.77
CA ALA A 119 -0.43 -7.64 -4.70
C ALA A 119 0.37 -8.40 -5.76
N LEU A 120 1.43 -7.78 -6.26
CA LEU A 120 2.28 -8.40 -7.27
C LEU A 120 3.04 -9.59 -6.67
N ALA A 121 3.57 -9.41 -5.45
CA ALA A 121 4.31 -10.49 -4.79
C ALA A 121 3.39 -11.67 -4.52
N TYR A 122 2.18 -11.37 -4.06
CA TYR A 122 1.20 -12.41 -3.77
C TYR A 122 0.82 -13.17 -5.04
N ALA A 123 0.47 -12.41 -6.08
CA ALA A 123 0.07 -13.00 -7.36
C ALA A 123 1.17 -13.85 -7.99
N GLN A 124 2.42 -13.42 -7.88
CA GLN A 124 3.54 -14.16 -8.46
C GLN A 124 3.88 -15.39 -7.63
N THR A 125 3.36 -15.45 -6.41
CA THR A 125 3.61 -16.59 -5.53
C THR A 125 2.46 -17.57 -5.61
N HIS A 126 1.25 -17.05 -5.77
CA HIS A 126 0.05 -17.87 -5.86
C HIS A 126 -0.78 -17.39 -7.04
N PRO A 127 -0.30 -17.63 -8.26
CA PRO A 127 -0.97 -17.23 -9.51
C PRO A 127 -2.39 -17.76 -9.63
N GLU A 128 -2.55 -19.06 -9.36
CA GLU A 128 -3.86 -19.70 -9.48
C GLU A 128 -4.92 -19.18 -8.51
N ARG A 129 -4.54 -18.31 -7.60
CA ARG A 129 -5.48 -17.77 -6.63
C ARG A 129 -6.01 -16.39 -7.01
N VAL A 130 -5.55 -15.86 -8.14
CA VAL A 130 -5.98 -14.54 -8.58
C VAL A 130 -6.79 -14.56 -9.88
N SER A 131 -8.03 -14.06 -9.82
CA SER A 131 -8.88 -14.02 -11.00
C SER A 131 -8.55 -12.79 -11.83
N GLU A 132 -8.41 -11.65 -11.17
CA GLU A 132 -8.02 -10.39 -11.83
C GLU A 132 -7.39 -9.41 -10.85
N MET A 133 -6.74 -8.38 -11.37
CA MET A 133 -6.07 -7.40 -10.52
C MET A 133 -6.34 -5.95 -10.89
N VAL A 134 -6.48 -5.11 -9.88
CA VAL A 134 -6.69 -3.69 -10.06
C VAL A 134 -5.57 -3.03 -9.25
N LEU A 135 -4.59 -2.49 -9.98
CA LEU A 135 -3.41 -1.86 -9.40
C LEU A 135 -3.36 -0.35 -9.59
N ARG A 136 -2.95 0.36 -8.54
CA ARG A 136 -2.86 1.82 -8.58
C ARG A 136 -1.57 2.33 -7.92
N GLY A 137 -0.95 3.33 -8.53
CA GLY A 137 0.28 3.90 -7.99
C GLY A 137 1.35 2.82 -7.84
N ILE A 138 1.75 2.25 -8.97
CA ILE A 138 2.74 1.19 -8.98
C ILE A 138 4.01 1.50 -8.22
N PHE A 139 4.36 0.57 -7.34
CA PHE A 139 5.56 0.66 -6.50
C PHE A 139 6.17 -0.73 -6.54
N THR A 140 7.38 -0.85 -7.11
CA THR A 140 8.03 -2.16 -7.21
C THR A 140 9.19 -2.34 -6.24
N LEU A 141 9.47 -1.31 -5.44
CA LEU A 141 10.55 -1.37 -4.46
C LEU A 141 11.98 -1.42 -4.99
N ARG A 142 12.19 -0.97 -6.22
CA ARG A 142 13.53 -0.92 -6.77
C ARG A 142 14.25 0.16 -6.00
N LYS A 143 15.57 0.09 -5.93
CA LYS A 143 16.31 1.08 -5.18
C LYS A 143 16.13 2.49 -5.75
N GLN A 144 15.92 2.58 -7.05
CA GLN A 144 15.74 3.90 -7.69
C GLN A 144 14.45 4.55 -7.18
N ARG A 145 13.47 3.72 -6.83
CA ARG A 145 12.18 4.21 -6.36
C ARG A 145 12.32 4.69 -4.91
N LEU A 146 13.11 3.98 -4.11
CA LEU A 146 13.32 4.37 -2.72
C LEU A 146 14.14 5.65 -2.64
N HIS A 147 15.16 5.74 -3.50
CA HIS A 147 16.05 6.89 -3.56
C HIS A 147 15.27 8.14 -3.95
N TRP A 148 14.37 7.98 -4.91
CA TRP A 148 13.57 9.11 -5.38
C TRP A 148 12.75 9.75 -4.26
N TYR A 149 12.08 8.93 -3.47
CA TYR A 149 11.23 9.43 -2.42
C TYR A 149 11.89 9.77 -1.09
N TYR A 150 12.99 9.11 -0.75
CA TYR A 150 13.63 9.36 0.54
C TYR A 150 15.06 9.86 0.56
N GLN A 151 15.65 10.14 -0.58
CA GLN A 151 17.02 10.63 -0.56
C GLN A 151 17.17 11.87 -1.42
N ASP A 152 16.76 11.77 -2.68
CA ASP A 152 16.86 12.91 -3.58
C ASP A 152 15.96 12.69 -4.78
N GLY A 153 14.90 13.47 -4.86
CA GLY A 153 13.96 13.35 -5.95
C GLY A 153 12.72 14.18 -5.67
N ALA A 154 11.78 13.60 -4.94
CA ALA A 154 10.54 14.30 -4.59
C ALA A 154 10.93 15.56 -3.79
N SER A 155 12.05 15.45 -3.10
CA SER A 155 12.60 16.53 -2.28
C SER A 155 12.76 17.83 -3.08
N ARG A 156 13.03 17.72 -4.37
CA ARG A 156 13.22 18.89 -5.20
C ARG A 156 11.92 19.56 -5.64
N PHE A 157 10.79 18.89 -5.39
CA PHE A 157 9.49 19.47 -5.69
C PHE A 157 8.89 20.05 -4.41
N PHE A 158 9.37 19.57 -3.26
CA PHE A 158 8.89 20.07 -1.97
C PHE A 158 10.09 20.39 -1.08
N PRO A 159 10.99 21.26 -1.56
CA PRO A 159 12.18 21.64 -0.78
C PRO A 159 11.90 22.18 0.61
N GLU A 160 10.82 22.95 0.76
CA GLU A 160 10.48 23.52 2.07
C GLU A 160 9.99 22.45 3.04
N LYS A 161 9.45 21.36 2.51
CA LYS A 161 8.98 20.26 3.35
C LYS A 161 10.12 19.32 3.67
N TRP A 162 10.92 19.01 2.66
CA TRP A 162 12.06 18.12 2.82
C TRP A 162 13.00 18.65 3.90
N GLU A 163 13.12 19.97 3.97
CA GLU A 163 13.98 20.62 4.95
C GLU A 163 13.56 20.23 6.37
N ARG A 164 12.27 20.02 6.58
CA ARG A 164 11.77 19.62 7.91
C ARG A 164 12.17 18.18 8.23
N VAL A 165 12.16 17.32 7.22
CA VAL A 165 12.52 15.93 7.42
C VAL A 165 14.00 15.80 7.81
N LEU A 166 14.85 16.68 7.28
CA LEU A 166 16.28 16.64 7.56
C LEU A 166 16.70 17.40 8.81
N SER A 167 15.80 18.23 9.34
CA SER A 167 16.13 19.06 10.50
C SER A 167 16.72 18.33 11.72
N ILE A 168 16.29 17.10 11.98
CA ILE A 168 16.81 16.37 13.12
C ILE A 168 18.04 15.54 12.79
N LEU A 169 18.49 15.61 11.54
CA LEU A 169 19.65 14.82 11.15
C LEU A 169 20.93 15.64 11.08
N SER A 170 22.05 15.01 11.43
CA SER A 170 23.34 15.67 11.36
C SER A 170 23.75 15.58 9.89
N ASP A 171 24.80 16.29 9.51
CA ASP A 171 25.22 16.27 8.11
C ASP A 171 25.60 14.89 7.59
N ASP A 172 26.16 14.05 8.46
CA ASP A 172 26.54 12.71 8.03
C ASP A 172 25.32 11.83 7.83
N GLU A 173 24.33 12.00 8.69
CA GLU A 173 23.11 11.21 8.61
C GLU A 173 22.29 11.52 7.37
N ARG A 174 22.50 12.71 6.79
CA ARG A 174 21.75 13.14 5.62
C ARG A 174 22.14 12.44 4.33
N LYS A 175 23.20 11.66 4.35
CA LYS A 175 23.66 10.94 3.17
C LYS A 175 22.85 9.66 2.98
N ASP A 176 22.19 9.25 4.06
CA ASP A 176 21.35 8.06 4.03
C ASP A 176 20.21 8.30 5.03
N VAL A 177 19.18 9.00 4.57
CA VAL A 177 18.03 9.34 5.39
C VAL A 177 17.32 8.10 5.95
N ILE A 178 17.11 7.10 5.09
CA ILE A 178 16.44 5.88 5.52
C ILE A 178 17.16 5.26 6.70
N ALA A 179 18.47 5.08 6.57
CA ALA A 179 19.26 4.48 7.64
C ALA A 179 19.26 5.36 8.88
N ALA A 180 19.30 6.67 8.69
CA ALA A 180 19.29 7.58 9.82
C ALA A 180 17.98 7.46 10.59
N TYR A 181 16.86 7.40 9.86
CA TYR A 181 15.56 7.26 10.51
C TYR A 181 15.38 5.88 11.13
N ARG A 182 16.01 4.88 10.52
CA ARG A 182 15.93 3.51 11.03
C ARG A 182 16.49 3.44 12.46
N GLN A 183 17.57 4.18 12.70
CA GLN A 183 18.20 4.22 14.02
C GLN A 183 17.27 4.87 15.05
N ARG A 184 16.63 5.95 14.66
CA ARG A 184 15.73 6.66 15.56
C ARG A 184 14.44 5.88 15.79
N LEU A 185 13.92 5.26 14.73
CA LEU A 185 12.67 4.51 14.84
C LEU A 185 12.82 3.23 15.64
N THR A 186 14.05 2.80 15.90
CA THR A 186 14.30 1.59 16.66
C THR A 186 15.12 1.82 17.94
N SER A 187 15.13 3.05 18.45
CA SER A 187 15.89 3.31 19.67
C SER A 187 15.05 2.84 20.87
N ALA A 188 15.69 2.75 22.03
CA ALA A 188 15.00 2.32 23.24
C ALA A 188 14.15 3.46 23.80
N ASP A 189 14.46 4.68 23.39
CA ASP A 189 13.74 5.86 23.85
C ASP A 189 12.52 6.10 22.96
N PRO A 190 11.32 5.79 23.47
CA PRO A 190 10.10 5.98 22.67
C PRO A 190 9.83 7.42 22.23
N GLN A 191 10.35 8.39 22.96
CA GLN A 191 10.14 9.78 22.58
C GLN A 191 10.99 10.08 21.34
N VAL A 192 12.12 9.39 21.24
CA VAL A 192 13.00 9.56 20.09
C VAL A 192 12.31 8.94 18.87
N GLN A 193 11.71 7.78 19.07
CA GLN A 193 11.00 7.09 18.01
C GLN A 193 9.84 7.93 17.47
N LEU A 194 9.04 8.46 18.38
CA LEU A 194 7.88 9.25 18.02
C LEU A 194 8.24 10.53 17.28
N GLU A 195 9.29 11.22 17.72
CA GLU A 195 9.69 12.44 17.05
C GLU A 195 10.03 12.15 15.58
N ALA A 196 10.69 11.04 15.32
CA ALA A 196 11.07 10.69 13.97
C ALA A 196 9.88 10.14 13.18
N ALA A 197 9.00 9.42 13.87
CA ALA A 197 7.81 8.85 13.24
C ALA A 197 6.92 9.94 12.68
N LYS A 198 6.71 11.00 13.45
CA LYS A 198 5.89 12.12 13.01
C LYS A 198 6.44 12.79 11.75
N LEU A 199 7.72 13.11 11.75
CA LEU A 199 8.34 13.77 10.60
C LEU A 199 8.26 12.90 9.36
N TRP A 200 8.59 11.62 9.50
CA TRP A 200 8.55 10.67 8.41
C TRP A 200 7.14 10.48 7.83
N SER A 201 6.14 10.39 8.70
CA SER A 201 4.75 10.21 8.25
C SER A 201 4.15 11.42 7.56
N VAL A 202 4.35 12.59 8.14
CA VAL A 202 3.82 13.83 7.59
C VAL A 202 4.44 14.17 6.23
N TRP A 203 5.68 13.74 6.01
CA TRP A 203 6.33 13.97 4.74
C TRP A 203 5.48 13.33 3.65
N GLU A 204 5.08 12.10 3.89
CA GLU A 204 4.25 11.38 2.93
C GLU A 204 2.82 11.91 2.86
N GLY A 205 2.24 12.23 4.01
CA GLY A 205 0.87 12.74 4.00
C GLY A 205 0.68 14.01 3.18
N GLU A 206 1.70 14.86 3.17
CA GLU A 206 1.62 16.13 2.45
C GLU A 206 2.09 16.10 0.99
N THR A 207 2.55 14.95 0.51
CA THR A 207 3.04 14.86 -0.86
C THR A 207 2.31 13.78 -1.65
N VAL A 208 1.20 13.31 -1.11
CA VAL A 208 0.45 12.24 -1.76
C VAL A 208 -0.77 12.73 -2.56
N THR A 209 -1.04 14.02 -2.53
CA THR A 209 -2.15 14.59 -3.27
C THR A 209 -1.65 15.76 -4.11
N LEU A 210 -2.28 16.01 -5.26
CA LEU A 210 -1.86 17.10 -6.13
C LEU A 210 -1.88 18.44 -5.37
N LEU A 211 -3.02 18.77 -4.80
CA LEU A 211 -3.17 20.01 -4.05
C LEU A 211 -3.10 19.71 -2.57
N PRO A 212 -2.73 20.70 -1.76
CA PRO A 212 -2.65 20.45 -0.32
C PRO A 212 -4.02 20.19 0.30
N SER A 213 -4.03 19.37 1.35
CA SER A 213 -5.27 19.04 2.06
C SER A 213 -5.00 19.07 3.55
N ARG A 214 -5.99 19.50 4.32
CA ARG A 214 -5.87 19.59 5.78
C ARG A 214 -5.69 18.17 6.33
N GLU A 215 -6.38 17.23 5.69
CA GLU A 215 -6.35 15.82 6.06
C GLU A 215 -4.95 15.24 6.26
N SER A 216 -3.94 15.86 5.66
CA SER A 216 -2.57 15.36 5.80
C SER A 216 -2.10 15.36 7.25
N ALA A 217 -2.73 16.18 8.08
CA ALA A 217 -2.38 16.28 9.49
C ALA A 217 -2.68 15.00 10.29
N SER A 218 -3.61 14.19 9.78
CA SER A 218 -3.96 12.96 10.46
C SER A 218 -2.77 12.00 10.45
N PHE A 219 -1.80 12.27 9.57
CA PHE A 219 -0.59 11.44 9.47
C PHE A 219 0.34 11.72 10.64
N GLY A 220 -0.02 12.72 11.45
CA GLY A 220 0.80 13.07 12.60
C GLY A 220 0.35 12.43 13.91
N GLU A 221 -0.85 11.85 13.92
CA GLU A 221 -1.37 11.20 15.13
C GLU A 221 -0.40 10.15 15.63
N ASP A 222 -0.02 10.28 16.90
CA ASP A 222 0.93 9.38 17.55
C ASP A 222 0.87 7.90 17.19
N ASP A 223 -0.24 7.24 17.53
CA ASP A 223 -0.37 5.82 17.24
C ASP A 223 -0.17 5.45 15.77
N PHE A 224 -0.89 6.13 14.88
CA PHE A 224 -0.75 5.87 13.45
C PHE A 224 0.67 6.12 12.95
N ALA A 225 1.22 7.28 13.28
CA ALA A 225 2.55 7.64 12.84
C ALA A 225 3.63 6.67 13.30
N LEU A 226 3.52 6.21 14.55
CA LEU A 226 4.51 5.30 15.12
C LEU A 226 4.57 3.99 14.35
N ALA A 227 3.43 3.38 14.12
CA ALA A 227 3.38 2.11 13.40
C ALA A 227 3.71 2.35 11.93
N PHE A 228 3.15 3.42 11.37
CA PHE A 228 3.36 3.73 9.97
C PHE A 228 4.85 3.92 9.64
N ALA A 229 5.52 4.82 10.36
CA ALA A 229 6.92 5.10 10.15
C ALA A 229 7.81 3.88 10.37
N ARG A 230 7.61 3.19 11.49
CA ARG A 230 8.42 2.02 11.81
C ARG A 230 8.31 0.93 10.76
N ILE A 231 7.08 0.56 10.42
CA ILE A 231 6.85 -0.49 9.43
C ILE A 231 7.36 -0.09 8.05
N GLU A 232 7.01 1.10 7.59
CA GLU A 232 7.48 1.56 6.29
C GLU A 232 9.01 1.50 6.22
N ASN A 233 9.64 2.15 7.19
CA ASN A 233 11.09 2.19 7.27
C ASN A 233 11.71 0.80 7.39
N HIS A 234 11.04 -0.10 8.09
CA HIS A 234 11.55 -1.45 8.27
C HIS A 234 11.61 -2.19 6.95
N TYR A 235 10.55 -2.06 6.15
CA TYR A 235 10.50 -2.73 4.85
C TYR A 235 11.46 -2.12 3.83
N PHE A 236 11.66 -0.80 3.89
CA PHE A 236 12.57 -0.16 2.96
C PHE A 236 14.00 -0.44 3.36
N THR A 237 14.24 -0.53 4.67
CA THR A 237 15.58 -0.84 5.14
C THR A 237 16.02 -2.19 4.57
N HIS A 238 15.08 -3.14 4.48
CA HIS A 238 15.38 -4.46 3.94
C HIS A 238 15.00 -4.66 2.47
N LEU A 239 14.91 -3.57 1.71
CA LEU A 239 14.56 -3.65 0.30
C LEU A 239 13.34 -4.54 0.04
N GLY A 240 12.30 -4.37 0.84
CA GLY A 240 11.08 -5.15 0.67
C GLY A 240 11.29 -6.66 0.77
N PHE A 241 12.46 -7.07 1.26
CA PHE A 241 12.80 -8.48 1.41
C PHE A 241 12.79 -9.23 0.08
N LEU A 242 13.18 -8.54 -0.98
CA LEU A 242 13.24 -9.15 -2.32
C LEU A 242 14.62 -9.76 -2.56
N GLU A 243 14.69 -10.74 -3.47
CA GLU A 243 15.95 -11.39 -3.78
C GLU A 243 16.80 -10.49 -4.68
N SER A 244 16.14 -9.82 -5.60
CA SER A 244 16.82 -8.92 -6.51
C SER A 244 16.09 -7.59 -6.57
N ASP A 245 16.79 -6.56 -7.06
CA ASP A 245 16.26 -5.22 -7.18
C ASP A 245 14.95 -5.22 -7.98
N ASP A 246 14.97 -5.87 -9.14
CA ASP A 246 13.82 -5.93 -10.03
C ASP A 246 13.03 -7.25 -10.03
N GLN A 247 13.02 -7.93 -8.89
CA GLN A 247 12.31 -9.20 -8.80
C GLN A 247 10.86 -9.13 -9.28
N LEU A 248 10.12 -8.14 -8.81
CA LEU A 248 8.71 -8.00 -9.19
C LEU A 248 8.46 -7.80 -10.69
N LEU A 249 9.30 -7.02 -11.35
CA LEU A 249 9.15 -6.80 -12.79
C LEU A 249 9.64 -8.03 -13.54
N ARG A 250 10.65 -8.69 -12.98
CA ARG A 250 11.23 -9.86 -13.60
C ARG A 250 10.32 -11.09 -13.56
N ASN A 251 9.44 -11.19 -12.57
CA ASN A 251 8.54 -12.34 -12.49
C ASN A 251 7.15 -12.07 -13.07
N VAL A 252 7.01 -10.98 -13.81
CA VAL A 252 5.74 -10.65 -14.45
C VAL A 252 5.22 -11.78 -15.34
N PRO A 253 6.13 -12.51 -16.04
CA PRO A 253 5.67 -13.61 -16.90
C PRO A 253 4.72 -14.58 -16.21
N LEU A 254 4.89 -14.75 -14.90
CA LEU A 254 4.05 -15.66 -14.12
C LEU A 254 2.60 -15.20 -14.00
N ILE A 255 2.35 -13.93 -14.28
CA ILE A 255 0.98 -13.41 -14.15
C ILE A 255 0.42 -12.66 -15.35
N ARG A 256 1.09 -12.73 -16.48
CA ARG A 256 0.63 -12.01 -17.68
C ARG A 256 -0.75 -12.48 -18.18
N HIS A 257 -1.13 -13.70 -17.81
CA HIS A 257 -2.41 -14.25 -18.24
C HIS A 257 -3.58 -13.72 -17.40
N ILE A 258 -3.26 -13.08 -16.28
CA ILE A 258 -4.30 -12.55 -15.40
C ILE A 258 -4.73 -11.15 -15.87
N PRO A 259 -6.05 -10.94 -16.02
CA PRO A 259 -6.58 -9.64 -16.46
C PRO A 259 -6.25 -8.59 -15.42
N ALA A 260 -5.76 -7.44 -15.87
CA ALA A 260 -5.39 -6.38 -14.96
C ALA A 260 -5.52 -4.97 -15.51
N VAL A 261 -5.82 -4.04 -14.63
CA VAL A 261 -5.94 -2.64 -14.98
C VAL A 261 -4.92 -1.91 -14.11
N ILE A 262 -4.21 -0.94 -14.70
CA ILE A 262 -3.20 -0.18 -13.97
C ILE A 262 -3.57 1.29 -14.03
N VAL A 263 -3.77 1.91 -12.86
CA VAL A 263 -4.12 3.32 -12.81
C VAL A 263 -3.00 4.06 -12.08
N HIS A 264 -2.46 5.10 -12.70
CA HIS A 264 -1.37 5.85 -12.08
C HIS A 264 -1.47 7.33 -12.42
N GLY A 265 -1.37 8.19 -11.40
CA GLY A 265 -1.44 9.62 -11.62
C GLY A 265 -0.17 10.18 -12.23
N ARG A 266 -0.34 11.08 -13.19
CA ARG A 266 0.78 11.72 -13.88
C ARG A 266 1.77 12.36 -12.92
N TYR A 267 1.24 13.07 -11.93
CA TYR A 267 2.07 13.75 -10.95
C TYR A 267 2.15 13.06 -9.61
N ASP A 268 2.14 11.73 -9.63
CA ASP A 268 2.26 10.94 -8.42
C ASP A 268 3.69 11.19 -7.93
N MET A 269 3.84 11.85 -6.79
CA MET A 269 5.16 12.17 -6.25
C MET A 269 5.73 11.08 -5.34
N ALA A 270 4.91 10.12 -4.96
CA ALA A 270 5.38 9.03 -4.09
C ALA A 270 5.94 7.91 -4.95
N CYS A 271 5.26 7.64 -6.07
CA CYS A 271 5.67 6.59 -7.00
C CYS A 271 5.61 7.17 -8.40
N GLN A 272 6.75 7.30 -9.05
CA GLN A 272 6.79 7.88 -10.39
C GLN A 272 6.07 7.02 -11.40
N VAL A 273 5.46 7.68 -12.39
CA VAL A 273 4.72 7.00 -13.46
C VAL A 273 5.61 6.00 -14.17
N GLN A 274 6.92 6.23 -14.12
CA GLN A 274 7.88 5.34 -14.76
C GLN A 274 7.63 3.89 -14.33
N ASN A 275 7.33 3.69 -13.05
CA ASN A 275 7.08 2.34 -12.56
C ASN A 275 5.89 1.73 -13.30
N ALA A 276 4.82 2.50 -13.47
CA ALA A 276 3.64 2.01 -14.17
C ALA A 276 3.99 1.73 -15.64
N TRP A 277 4.85 2.56 -16.22
CA TRP A 277 5.26 2.40 -17.61
C TRP A 277 6.10 1.14 -17.75
N ASP A 278 7.07 0.95 -16.85
CA ASP A 278 7.92 -0.23 -16.89
C ASP A 278 7.08 -1.49 -16.72
N LEU A 279 6.12 -1.46 -15.79
CA LEU A 279 5.27 -2.62 -15.57
C LEU A 279 4.47 -2.93 -16.83
N ALA A 280 3.85 -1.91 -17.40
CA ALA A 280 3.04 -2.07 -18.62
C ALA A 280 3.92 -2.54 -19.78
N LYS A 281 5.16 -2.07 -19.82
CA LYS A 281 6.10 -2.46 -20.88
C LYS A 281 6.31 -3.97 -20.84
N ALA A 282 6.38 -4.53 -19.64
CA ALA A 282 6.58 -5.97 -19.47
C ALA A 282 5.27 -6.75 -19.46
N TRP A 283 4.16 -6.05 -19.30
CA TRP A 283 2.84 -6.68 -19.23
C TRP A 283 1.91 -6.06 -20.26
N PRO A 284 2.10 -6.38 -21.55
CA PRO A 284 1.29 -5.87 -22.66
C PRO A 284 -0.21 -6.07 -22.49
N GLU A 285 -0.59 -7.25 -22.00
CA GLU A 285 -1.99 -7.59 -21.79
C GLU A 285 -2.69 -6.63 -20.84
N ALA A 286 -1.93 -6.08 -19.91
CA ALA A 286 -2.50 -5.16 -18.93
C ALA A 286 -3.00 -3.89 -19.58
N GLU A 287 -4.02 -3.30 -18.96
CA GLU A 287 -4.61 -2.07 -19.44
C GLU A 287 -4.09 -0.91 -18.59
N LEU A 288 -3.39 0.02 -19.23
CA LEU A 288 -2.79 1.16 -18.54
C LEU A 288 -3.56 2.47 -18.66
N HIS A 289 -3.68 3.18 -17.54
CA HIS A 289 -4.37 4.45 -17.49
C HIS A 289 -3.58 5.49 -16.74
N ILE A 290 -2.93 6.38 -17.46
CA ILE A 290 -2.16 7.45 -16.83
C ILE A 290 -3.14 8.60 -16.70
N VAL A 291 -3.48 8.95 -15.46
CA VAL A 291 -4.43 10.01 -15.21
C VAL A 291 -3.76 11.39 -15.12
N GLU A 292 -4.11 12.26 -16.06
CA GLU A 292 -3.55 13.61 -16.11
C GLU A 292 -4.16 14.46 -14.98
N GLY A 293 -3.36 15.35 -14.42
CA GLY A 293 -3.82 16.22 -13.36
C GLY A 293 -4.01 15.56 -11.99
N ALA A 294 -3.50 14.36 -11.82
CA ALA A 294 -3.67 13.66 -10.55
C ALA A 294 -2.36 13.33 -9.83
N GLY A 295 -2.47 13.22 -8.51
CA GLY A 295 -1.33 12.89 -7.68
C GLY A 295 -1.31 11.39 -7.43
N HIS A 296 -0.85 11.01 -6.24
CA HIS A 296 -0.73 9.61 -5.84
C HIS A 296 -1.98 8.94 -5.26
N SER A 297 -2.63 9.63 -4.32
CA SER A 297 -3.79 9.11 -3.61
C SER A 297 -4.95 8.54 -4.42
N TYR A 298 -5.54 7.48 -3.90
CA TYR A 298 -6.65 6.80 -4.55
C TYR A 298 -7.89 7.68 -4.73
N ASP A 299 -8.10 8.63 -3.82
CA ASP A 299 -9.27 9.48 -3.93
C ASP A 299 -9.10 10.76 -4.75
N GLU A 300 -8.06 10.80 -5.58
CA GLU A 300 -7.87 11.94 -6.47
C GLU A 300 -9.00 11.68 -7.47
N PRO A 301 -9.89 12.66 -7.68
CA PRO A 301 -11.02 12.54 -8.61
C PRO A 301 -10.80 11.67 -9.85
N GLY A 302 -9.81 12.04 -10.66
CA GLY A 302 -9.52 11.29 -11.86
C GLY A 302 -9.10 9.85 -11.63
N ILE A 303 -8.36 9.60 -10.56
CA ILE A 303 -7.91 8.25 -10.24
C ILE A 303 -9.07 7.42 -9.70
N LEU A 304 -9.83 7.99 -8.77
CA LEU A 304 -10.98 7.29 -8.20
C LEU A 304 -11.95 6.87 -9.30
N HIS A 305 -12.21 7.79 -10.23
CA HIS A 305 -13.11 7.52 -11.34
C HIS A 305 -12.71 6.24 -12.09
N GLN A 306 -11.42 6.11 -12.40
CA GLN A 306 -10.93 4.94 -13.10
C GLN A 306 -10.98 3.66 -12.26
N LEU A 307 -10.81 3.79 -10.96
CA LEU A 307 -10.85 2.62 -10.08
C LEU A 307 -12.27 2.06 -10.00
N MET A 308 -13.25 2.96 -9.95
CA MET A 308 -14.64 2.54 -9.88
C MET A 308 -15.05 1.80 -11.15
N ILE A 309 -14.65 2.35 -12.30
CA ILE A 309 -14.94 1.75 -13.59
C ILE A 309 -14.30 0.37 -13.69
N ALA A 310 -13.09 0.25 -13.16
CA ALA A 310 -12.36 -1.01 -13.19
C ALA A 310 -13.03 -2.10 -12.33
N THR A 311 -13.49 -1.74 -11.14
CA THR A 311 -14.13 -2.76 -10.30
C THR A 311 -15.53 -3.12 -10.83
N ASP A 312 -16.27 -2.14 -11.33
CA ASP A 312 -17.59 -2.42 -11.88
C ASP A 312 -17.45 -3.29 -13.11
N ARG A 313 -16.44 -2.99 -13.92
CA ARG A 313 -16.22 -3.76 -15.14
C ARG A 313 -15.99 -5.24 -14.86
N PHE A 314 -15.09 -5.55 -13.93
CA PHE A 314 -14.82 -6.93 -13.60
C PHE A 314 -15.99 -7.59 -12.88
N ALA A 315 -17.05 -6.83 -12.66
CA ALA A 315 -18.24 -7.34 -11.99
C ALA A 315 -19.48 -7.34 -12.91
N GLY A 316 -19.40 -6.66 -14.05
CA GLY A 316 -20.54 -6.61 -14.95
C GLY A 316 -20.89 -5.19 -15.38
N ATX B . 4.08 4.93 1.25
CA ATX B . 3.54 4.37 -0.04
C ATX B . 2.21 3.63 0.18
O ATX B . 2.08 2.44 -0.05
CB ATX B . 4.67 3.48 -0.58
C5 ATX B . 1.06 4.41 0.66
N4 ATX B . 0.86 5.14 1.77
N3 ATX B . -0.34 5.67 1.74
C2 ATX B . -0.97 5.30 0.59
O1 ATX B . -0.10 4.49 -0.15
C6 ATX B . -2.34 5.59 0.02
C7 ATX B . -3.09 4.27 -0.19
C8 ATX B . -2.21 6.31 -1.32
C9 ATX B . -3.12 6.48 0.99
#